data_9JWR
#
_entry.id   9JWR
#
_cell.length_a   40.586
_cell.length_b   83.232
_cell.length_c   90.035
_cell.angle_alpha   90.00
_cell.angle_beta   94.05
_cell.angle_gamma   90.00
#
_symmetry.space_group_name_H-M   'P 1 21 1'
#
loop_
_entity.id
_entity.type
_entity.pdbx_description
1 polymer 'Fibrillin protein 5 homolog'
2 water water
#
_entity_poly.entity_id   1
_entity_poly.type   'polypeptide(L)'
_entity_poly.pdbx_seq_one_letter_code
;EAALGDAKDALYAALEGMNRGIFGMTSEKRSEIHALVELLESKNPTPEPTDKLQDKVDGCWRLVYSTISILGKKRTKLGL
RDFISLGDFFQMIDVKEEKAVNVIKFSARALKILSGQLTIEASYKITTKTKVDITLDSSTITPDQLMNIFQKNYDMLLAI
FNPEGWLEITYVDESLRIGRDDKANIFVLERADPSEV
;
_entity_poly.pdbx_strand_id   A,B,C
#
# COMPACT_ATOMS: atom_id res chain seq x y z
N GLU A 1 6.82 -19.94 -7.18
CA GLU A 1 6.11 -21.24 -7.03
C GLU A 1 6.17 -21.62 -5.56
N ALA A 2 6.97 -20.89 -4.78
CA ALA A 2 7.01 -21.11 -3.31
C ALA A 2 6.19 -19.98 -2.70
N ALA A 3 6.36 -18.78 -3.21
CA ALA A 3 5.50 -17.68 -2.78
C ALA A 3 4.05 -17.94 -3.15
N LEU A 4 3.78 -18.83 -4.11
CA LEU A 4 2.40 -19.18 -4.40
C LEU A 4 1.76 -19.84 -3.18
N GLY A 5 2.43 -20.85 -2.63
CA GLY A 5 1.94 -21.50 -1.42
C GLY A 5 1.73 -20.52 -0.28
N ASP A 6 2.74 -19.68 0.00
CA ASP A 6 2.61 -18.69 1.08
C ASP A 6 1.52 -17.68 0.78
N ALA A 7 1.44 -17.19 -0.45
CA ALA A 7 0.42 -16.22 -0.79
C ALA A 7 -0.99 -16.83 -0.66
N LYS A 8 -1.16 -18.06 -1.13
CA LYS A 8 -2.43 -18.75 -0.96
C LYS A 8 -2.79 -18.93 0.50
N ASP A 9 -1.83 -19.42 1.32
CA ASP A 9 -2.09 -19.56 2.75
C ASP A 9 -2.47 -18.23 3.37
N ALA A 10 -1.79 -17.14 2.98
CA ALA A 10 -2.12 -15.83 3.54
C ALA A 10 -3.51 -15.39 3.13
N LEU A 11 -3.90 -15.65 1.87
CA LEU A 11 -5.24 -15.29 1.41
C LEU A 11 -6.29 -16.02 2.22
N TYR A 12 -6.13 -17.34 2.40
CA TYR A 12 -7.10 -18.10 3.17
C TYR A 12 -7.17 -17.61 4.62
N ALA A 13 -6.02 -17.26 5.20
CA ALA A 13 -6.05 -16.74 6.56
C ALA A 13 -6.80 -15.42 6.65
N ALA A 14 -6.63 -14.56 5.64
CA ALA A 14 -7.31 -13.27 5.66
C ALA A 14 -8.81 -13.41 5.44
N LEU A 15 -9.25 -14.48 4.77
CA LEU A 15 -10.67 -14.71 4.52
C LEU A 15 -11.43 -15.30 5.71
N GLU A 16 -10.72 -15.81 6.73
CA GLU A 16 -11.38 -16.42 7.88
C GLU A 16 -12.35 -15.44 8.52
N GLY A 17 -13.60 -15.89 8.68
CA GLY A 17 -14.65 -15.09 9.29
C GLY A 17 -15.30 -14.07 8.39
N MET A 18 -14.85 -13.95 7.13
CA MET A 18 -15.31 -12.90 6.23
C MET A 18 -16.56 -13.30 5.45
N ASN A 19 -16.98 -14.56 5.54
CA ASN A 19 -18.07 -15.09 4.73
C ASN A 19 -17.97 -14.62 3.28
N ARG A 20 -16.77 -14.73 2.72
CA ARG A 20 -16.51 -14.54 1.29
C ARG A 20 -16.71 -13.09 0.85
N GLY A 21 -16.91 -12.18 1.79
CA GLY A 21 -17.31 -10.83 1.45
C GLY A 21 -18.77 -10.63 1.08
N ILE A 22 -19.58 -11.70 1.04
CA ILE A 22 -20.93 -11.57 0.50
C ILE A 22 -21.82 -10.63 1.30
N PHE A 23 -21.52 -10.40 2.57
CA PHE A 23 -22.25 -9.43 3.37
C PHE A 23 -21.34 -8.25 3.74
N GLY A 24 -20.40 -7.93 2.85
CA GLY A 24 -19.51 -6.81 3.04
C GLY A 24 -18.33 -7.14 3.92
N MET A 25 -17.43 -6.17 4.04
CA MET A 25 -16.28 -6.30 4.93
C MET A 25 -15.64 -4.93 5.10
N THR A 26 -14.84 -4.82 6.15
CA THR A 26 -14.14 -3.57 6.40
C THR A 26 -13.16 -3.26 5.27
N SER A 27 -12.94 -1.96 5.07
CA SER A 27 -12.08 -1.53 3.98
C SER A 27 -10.66 -2.10 4.09
N GLU A 28 -10.11 -2.22 5.30
CA GLU A 28 -8.71 -2.67 5.43
C GLU A 28 -8.60 -4.17 5.18
N LYS A 29 -9.66 -4.92 5.50
CA LYS A 29 -9.63 -6.34 5.16
C LYS A 29 -9.74 -6.52 3.66
N ARG A 30 -10.57 -5.73 2.99
CA ARG A 30 -10.68 -5.82 1.52
C ARG A 30 -9.35 -5.46 0.87
N SER A 31 -8.68 -4.41 1.36
CA SER A 31 -7.46 -4.01 0.67
C SER A 31 -6.38 -5.07 0.83
N GLU A 32 -6.30 -5.70 2.02
CA GLU A 32 -5.37 -6.81 2.19
C GLU A 32 -5.68 -7.97 1.26
N ILE A 33 -6.96 -8.37 1.21
CA ILE A 33 -7.35 -9.49 0.36
C ILE A 33 -7.07 -9.17 -1.11
N HIS A 34 -7.36 -7.94 -1.53
CA HIS A 34 -7.12 -7.58 -2.92
C HIS A 34 -5.63 -7.52 -3.22
N ALA A 35 -4.80 -7.13 -2.25
CA ALA A 35 -3.36 -7.17 -2.49
C ALA A 35 -2.86 -8.60 -2.67
N LEU A 36 -3.39 -9.55 -1.88
CA LEU A 36 -3.00 -10.95 -2.05
C LEU A 36 -3.48 -11.51 -3.37
N VAL A 37 -4.71 -11.17 -3.76
CA VAL A 37 -5.22 -11.56 -5.07
C VAL A 37 -4.30 -11.05 -6.17
N GLU A 38 -3.91 -9.78 -6.06
CA GLU A 38 -3.10 -9.18 -7.11
C GLU A 38 -1.71 -9.79 -7.17
N LEU A 39 -1.15 -10.19 -6.02
CA LEU A 39 0.14 -10.87 -6.02
C LEU A 39 0.04 -12.21 -6.72
N LEU A 40 -0.98 -12.99 -6.35
CA LEU A 40 -1.21 -14.27 -7.03
C LEU A 40 -1.36 -14.08 -8.54
N GLU A 41 -2.19 -13.13 -8.96
CA GLU A 41 -2.37 -12.89 -10.39
C GLU A 41 -1.04 -12.62 -11.07
N SER A 42 -0.19 -11.82 -10.43
CA SER A 42 1.07 -11.46 -11.07
C SER A 42 2.01 -12.64 -11.20
N LYS A 43 1.76 -13.72 -10.47
CA LYS A 43 2.57 -14.94 -10.49
C LYS A 43 1.84 -16.12 -11.08
N ASN A 44 0.76 -15.88 -11.82
CA ASN A 44 -0.08 -16.90 -12.40
C ASN A 44 0.76 -17.98 -13.09
N PRO A 45 0.69 -19.24 -12.66
CA PRO A 45 1.50 -20.28 -13.30
C PRO A 45 0.88 -20.85 -14.55
N THR A 46 -0.30 -20.35 -14.95
CA THR A 46 -1.01 -20.84 -16.12
C THR A 46 -1.26 -19.67 -17.08
N PRO A 47 -0.23 -19.21 -17.78
CA PRO A 47 -0.46 -18.21 -18.83
C PRO A 47 -1.29 -18.79 -19.96
N GLU A 48 -1.97 -17.87 -20.67
CA GLU A 48 -2.92 -18.19 -21.72
C GLU A 48 -3.88 -19.30 -21.27
N PRO A 49 -4.62 -19.09 -20.18
CA PRO A 49 -5.44 -20.18 -19.62
C PRO A 49 -6.54 -20.71 -20.53
N THR A 50 -7.06 -19.92 -21.48
CA THR A 50 -8.12 -20.49 -22.32
C THR A 50 -7.60 -21.50 -23.32
N ASP A 51 -6.28 -21.56 -23.52
CA ASP A 51 -5.65 -22.64 -24.28
C ASP A 51 -5.55 -23.95 -23.49
N LYS A 52 -5.93 -23.93 -22.22
CA LYS A 52 -5.62 -25.04 -21.31
C LYS A 52 -6.82 -25.40 -20.45
N LEU A 53 -8.03 -25.06 -20.89
CA LEU A 53 -9.19 -25.15 -19.99
C LEU A 53 -9.46 -26.57 -19.55
N GLN A 54 -9.19 -27.57 -20.41
CA GLN A 54 -9.55 -28.94 -20.06
C GLN A 54 -8.81 -29.39 -18.80
N ASP A 55 -7.53 -29.03 -18.68
CA ASP A 55 -6.75 -29.52 -17.55
C ASP A 55 -6.95 -28.64 -16.34
N LYS A 56 -7.02 -27.33 -16.54
CA LYS A 56 -6.93 -26.38 -15.45
C LYS A 56 -8.26 -25.86 -14.95
N VAL A 57 -9.30 -25.82 -15.78
CA VAL A 57 -10.52 -25.10 -15.42
C VAL A 57 -11.74 -26.01 -15.40
N ASP A 58 -11.77 -27.02 -16.27
CA ASP A 58 -12.92 -27.92 -16.30
C ASP A 58 -13.21 -28.48 -14.91
N GLY A 59 -14.50 -28.49 -14.55
CA GLY A 59 -14.89 -29.03 -13.26
C GLY A 59 -15.63 -28.07 -12.35
N CYS A 60 -15.66 -28.40 -11.06
CA CYS A 60 -16.53 -27.75 -10.10
C CYS A 60 -15.70 -26.85 -9.17
N TRP A 61 -16.19 -25.63 -8.95
CA TRP A 61 -15.48 -24.62 -8.18
C TRP A 61 -16.41 -24.04 -7.12
N ARG A 62 -15.85 -23.74 -5.94
CA ARG A 62 -16.60 -23.14 -4.85
C ARG A 62 -16.04 -21.75 -4.57
N LEU A 63 -16.92 -20.74 -4.56
CA LEU A 63 -16.49 -19.37 -4.32
C LEU A 63 -15.90 -19.21 -2.92
N VAL A 64 -14.72 -18.62 -2.83
CA VAL A 64 -14.15 -18.30 -1.52
C VAL A 64 -14.05 -16.80 -1.28
N TYR A 65 -14.06 -15.98 -2.33
CA TYR A 65 -14.11 -14.54 -2.16
C TYR A 65 -14.65 -13.91 -3.44
N SER A 66 -15.45 -12.86 -3.29
CA SER A 66 -15.80 -12.05 -4.44
C SER A 66 -16.15 -10.65 -3.97
N THR A 67 -16.16 -9.72 -4.92
CA THR A 67 -16.61 -8.35 -4.69
C THR A 67 -18.14 -8.20 -4.77
N ILE A 68 -18.90 -9.29 -4.92
CA ILE A 68 -20.35 -9.22 -4.79
C ILE A 68 -20.73 -9.13 -3.32
N SER A 69 -21.54 -8.14 -2.96
CA SER A 69 -22.10 -8.07 -1.63
C SER A 69 -23.61 -7.83 -1.73
N ILE A 70 -24.33 -8.29 -0.72
CA ILE A 70 -25.78 -8.16 -0.66
C ILE A 70 -26.10 -7.44 0.64
N LEU A 71 -26.47 -6.16 0.53
CA LEU A 71 -26.57 -5.31 1.72
C LEU A 71 -27.82 -4.46 1.64
N GLY A 72 -28.25 -3.93 2.78
CA GLY A 72 -29.35 -2.98 2.77
C GLY A 72 -30.66 -3.62 2.35
N LYS A 73 -31.45 -2.88 1.56
CA LYS A 73 -32.80 -3.33 1.23
C LYS A 73 -32.78 -4.62 0.44
N LYS A 74 -31.83 -4.77 -0.49
CA LYS A 74 -31.70 -6.02 -1.23
C LYS A 74 -31.62 -7.21 -0.28
N ARG A 75 -30.79 -7.08 0.75
CA ARG A 75 -30.67 -8.17 1.72
C ARG A 75 -31.96 -8.38 2.49
N THR A 76 -32.67 -7.29 2.83
CA THR A 76 -33.94 -7.41 3.54
C THR A 76 -35.00 -8.09 2.68
N LYS A 77 -35.19 -7.64 1.44
CA LYS A 77 -36.25 -8.22 0.60
C LYS A 77 -36.00 -9.70 0.35
N LEU A 78 -34.73 -10.09 0.17
CA LEU A 78 -34.40 -11.49 -0.01
C LEU A 78 -34.47 -12.26 1.29
N GLY A 79 -34.71 -11.58 2.40
CA GLY A 79 -34.95 -12.28 3.64
C GLY A 79 -33.72 -12.94 4.24
N LEU A 80 -32.54 -12.40 3.98
CA LEU A 80 -31.33 -13.05 4.46
C LEU A 80 -30.97 -12.65 5.88
N ARG A 81 -31.78 -11.80 6.51
CA ARG A 81 -31.48 -11.32 7.84
C ARG A 81 -31.55 -12.46 8.85
N ASP A 82 -32.71 -13.13 8.84
CA ASP A 82 -32.93 -14.14 9.90
C ASP A 82 -33.65 -15.41 9.44
N PHE A 83 -34.37 -15.40 8.32
CA PHE A 83 -35.13 -16.65 8.00
C PHE A 83 -34.52 -17.44 6.85
N ILE A 84 -33.83 -16.79 5.91
CA ILE A 84 -33.12 -17.54 4.83
C ILE A 84 -31.61 -17.42 5.05
N SER A 85 -30.90 -18.49 4.79
CA SER A 85 -29.46 -18.48 4.95
C SER A 85 -28.80 -18.71 3.60
N LEU A 86 -27.88 -17.82 3.24
CA LEU A 86 -27.12 -17.91 2.00
C LEU A 86 -25.97 -18.89 2.16
N GLY A 87 -26.03 -20.00 1.43
CA GLY A 87 -25.01 -21.04 1.48
C GLY A 87 -23.92 -20.85 0.45
N ASP A 88 -23.34 -21.95 0.02
CA ASP A 88 -22.22 -21.87 -0.89
C ASP A 88 -22.65 -21.45 -2.29
N PHE A 89 -21.71 -20.85 -3.01
CA PHE A 89 -21.81 -20.46 -4.41
C PHE A 89 -20.86 -21.37 -5.17
N PHE A 90 -21.38 -22.11 -6.15
CA PHE A 90 -20.57 -23.02 -6.96
C PHE A 90 -20.61 -22.55 -8.41
N GLN A 91 -19.49 -22.69 -9.10
CA GLN A 91 -19.47 -22.51 -10.55
C GLN A 91 -18.88 -23.77 -11.16
N MET A 92 -19.64 -24.39 -12.08
CA MET A 92 -19.21 -25.57 -12.79
C MET A 92 -18.86 -25.17 -14.21
N ILE A 93 -17.67 -25.55 -14.67
CA ILE A 93 -17.25 -25.29 -16.04
C ILE A 93 -17.17 -26.64 -16.74
N ASP A 94 -17.96 -26.82 -17.81
CA ASP A 94 -17.92 -28.02 -18.65
C ASP A 94 -17.23 -27.65 -19.96
N VAL A 95 -15.94 -27.99 -20.06
CA VAL A 95 -15.15 -27.54 -21.21
C VAL A 95 -15.55 -28.28 -22.48
N LYS A 96 -15.80 -29.59 -22.39
CA LYS A 96 -16.17 -30.32 -23.60
C LYS A 96 -17.52 -29.87 -24.14
N GLU A 97 -18.38 -29.30 -23.31
CA GLU A 97 -19.65 -28.82 -23.83
C GLU A 97 -19.80 -27.32 -23.83
N GLU A 98 -18.75 -26.58 -23.41
CA GLU A 98 -18.74 -25.13 -23.47
C GLU A 98 -19.91 -24.55 -22.67
N LYS A 99 -20.06 -25.07 -21.45
CA LYS A 99 -21.14 -24.69 -20.55
C LYS A 99 -20.57 -24.18 -19.23
N ALA A 100 -21.29 -23.26 -18.59
CA ALA A 100 -20.91 -22.73 -17.28
C ALA A 100 -22.19 -22.63 -16.46
N VAL A 101 -22.18 -23.18 -15.25
CA VAL A 101 -23.38 -23.21 -14.43
C VAL A 101 -23.05 -22.61 -13.07
N ASN A 102 -23.85 -21.67 -12.62
CA ASN A 102 -23.72 -21.10 -11.29
C ASN A 102 -24.83 -21.70 -10.43
N VAL A 103 -24.48 -22.19 -9.25
CA VAL A 103 -25.47 -22.69 -8.29
C VAL A 103 -25.28 -21.94 -6.99
N ILE A 104 -26.33 -21.29 -6.52
CA ILE A 104 -26.24 -20.54 -5.27
C ILE A 104 -27.19 -21.22 -4.31
N LYS A 105 -26.64 -21.74 -3.21
CA LYS A 105 -27.41 -22.57 -2.29
C LYS A 105 -28.05 -21.72 -1.21
N PHE A 106 -29.22 -22.16 -0.76
CA PHE A 106 -29.98 -21.51 0.29
C PHE A 106 -30.53 -22.57 1.23
N SER A 107 -30.66 -22.22 2.49
CA SER A 107 -31.32 -23.09 3.46
C SER A 107 -32.21 -22.24 4.35
N ALA A 108 -33.19 -22.88 4.96
CA ALA A 108 -34.14 -22.16 5.83
C ALA A 108 -34.66 -23.17 6.84
N ARG A 109 -34.07 -23.17 8.03
CA ARG A 109 -34.45 -24.15 9.04
C ARG A 109 -35.89 -23.95 9.46
N ALA A 110 -36.31 -22.70 9.66
CA ALA A 110 -37.69 -22.42 10.06
C ALA A 110 -38.67 -22.95 9.03
N LEU A 111 -38.40 -22.74 7.76
CA LEU A 111 -39.27 -23.22 6.70
C LEU A 111 -38.95 -24.65 6.28
N LYS A 112 -38.06 -25.33 7.02
CA LYS A 112 -37.63 -26.69 6.73
C LYS A 112 -37.21 -26.86 5.27
N ILE A 113 -36.66 -25.80 4.68
CA ILE A 113 -35.95 -25.94 3.42
C ILE A 113 -34.54 -26.39 3.79
N LEU A 114 -34.33 -27.70 3.78
CA LEU A 114 -33.00 -28.19 4.11
C LEU A 114 -32.00 -27.80 3.04
N SER A 115 -32.41 -27.82 1.78
CA SER A 115 -31.53 -27.50 0.67
C SER A 115 -32.36 -26.90 -0.46
N GLY A 116 -32.02 -25.66 -0.84
CA GLY A 116 -32.60 -25.04 -2.01
C GLY A 116 -31.50 -24.37 -2.82
N GLN A 117 -31.84 -23.99 -4.04
CA GLN A 117 -30.81 -23.32 -4.83
C GLN A 117 -31.40 -22.52 -5.98
N LEU A 118 -30.66 -21.46 -6.33
CA LEU A 118 -30.80 -20.77 -7.60
C LEU A 118 -29.80 -21.41 -8.55
N THR A 119 -30.28 -21.93 -9.68
CA THR A 119 -29.44 -22.55 -10.69
C THR A 119 -29.45 -21.69 -11.94
N ILE A 120 -28.27 -21.33 -12.43
CA ILE A 120 -28.14 -20.45 -13.58
C ILE A 120 -27.33 -21.22 -14.62
N GLU A 121 -27.95 -21.56 -15.74
CA GLU A 121 -27.28 -22.33 -16.80
C GLU A 121 -26.82 -21.37 -17.90
N ALA A 122 -25.53 -21.45 -18.24
CA ALA A 122 -24.97 -20.53 -19.23
C ALA A 122 -24.12 -21.31 -20.22
N SER A 123 -23.81 -20.64 -21.33
CA SER A 123 -22.88 -21.13 -22.33
C SER A 123 -21.74 -20.13 -22.44
N TYR A 124 -20.56 -20.63 -22.86
CA TYR A 124 -19.42 -19.74 -23.07
C TYR A 124 -18.76 -20.02 -24.40
N LYS A 125 -18.02 -19.01 -24.86
CA LYS A 125 -17.16 -19.13 -26.02
C LYS A 125 -15.86 -18.43 -25.69
N ILE A 126 -14.74 -19.04 -26.08
CA ILE A 126 -13.44 -18.41 -25.87
C ILE A 126 -13.29 -17.22 -26.80
N THR A 127 -12.82 -16.09 -26.27
CA THR A 127 -12.61 -14.90 -27.09
C THR A 127 -11.17 -14.45 -27.15
N THR A 128 -10.38 -14.63 -26.08
CA THR A 128 -8.96 -14.31 -26.10
C THR A 128 -8.21 -15.42 -25.38
N LYS A 129 -6.88 -15.26 -25.28
CA LYS A 129 -6.12 -16.24 -24.53
C LYS A 129 -6.46 -16.26 -23.04
N THR A 130 -7.16 -15.23 -22.54
CA THR A 130 -7.54 -15.14 -21.13
C THR A 130 -9.05 -15.01 -20.88
N LYS A 131 -9.85 -14.68 -21.89
CA LYS A 131 -11.26 -14.31 -21.70
C LYS A 131 -12.20 -15.29 -22.36
N VAL A 132 -13.35 -15.53 -21.70
CA VAL A 132 -14.49 -16.19 -22.33
C VAL A 132 -15.67 -15.23 -22.27
N ASP A 133 -16.56 -15.32 -23.27
CA ASP A 133 -17.84 -14.62 -23.25
C ASP A 133 -18.92 -15.58 -22.76
N ILE A 134 -19.75 -15.14 -21.81
CA ILE A 134 -20.72 -15.99 -21.15
C ILE A 134 -22.11 -15.49 -21.50
N THR A 135 -23.00 -16.41 -21.89
CA THR A 135 -24.38 -16.06 -22.23
C THR A 135 -25.34 -16.88 -21.39
N LEU A 136 -26.30 -16.22 -20.75
CA LEU A 136 -27.33 -16.90 -20.00
C LEU A 136 -28.28 -17.70 -20.89
N ASP A 137 -28.51 -18.96 -20.51
CA ASP A 137 -29.45 -19.83 -21.19
C ASP A 137 -30.78 -19.95 -20.47
N SER A 138 -30.74 -20.13 -19.15
CA SER A 138 -31.92 -20.44 -18.36
C SER A 138 -31.59 -20.30 -16.88
N SER A 139 -32.65 -20.16 -16.06
CA SER A 139 -32.42 -20.21 -14.62
C SER A 139 -33.66 -20.76 -13.93
N THR A 140 -33.45 -21.28 -12.73
CA THR A 140 -34.54 -21.80 -11.93
C THR A 140 -34.22 -21.64 -10.45
N ILE A 141 -35.28 -21.64 -9.64
CA ILE A 141 -35.17 -21.71 -8.19
C ILE A 141 -35.94 -22.94 -7.73
N THR A 142 -35.28 -23.80 -6.97
CA THR A 142 -35.87 -25.00 -6.41
C THR A 142 -35.58 -25.07 -4.92
N PRO A 143 -36.44 -25.72 -4.13
CA PRO A 143 -37.73 -26.33 -4.50
C PRO A 143 -38.80 -25.25 -4.65
N ASP A 144 -40.04 -25.62 -4.95
CA ASP A 144 -41.12 -24.65 -5.12
C ASP A 144 -41.32 -23.81 -3.87
N GLN A 145 -41.18 -24.43 -2.69
CA GLN A 145 -41.14 -23.73 -1.42
C GLN A 145 -40.21 -22.51 -1.43
N LEU A 146 -39.01 -22.67 -1.96
CA LEU A 146 -38.11 -21.52 -2.05
C LEU A 146 -38.53 -20.55 -3.16
N MET A 147 -39.07 -21.08 -4.27
CA MET A 147 -39.54 -20.19 -5.32
C MET A 147 -40.66 -19.28 -4.82
N ASN A 148 -41.54 -19.79 -3.93
CA ASN A 148 -42.62 -18.94 -3.45
C ASN A 148 -42.11 -17.74 -2.67
N ILE A 149 -40.95 -17.89 -2.03
CA ILE A 149 -40.31 -16.80 -1.31
C ILE A 149 -39.69 -15.77 -2.25
N PHE A 150 -39.02 -16.20 -3.31
CA PHE A 150 -38.25 -15.25 -4.12
C PHE A 150 -38.94 -14.76 -5.38
N GLN A 151 -40.14 -15.23 -5.73
CA GLN A 151 -40.63 -15.02 -7.09
C GLN A 151 -40.79 -13.53 -7.40
N LYS A 152 -41.36 -12.74 -6.47
CA LYS A 152 -41.57 -11.34 -6.82
C LYS A 152 -40.27 -10.56 -6.89
N ASN A 153 -39.21 -11.08 -6.29
CA ASN A 153 -37.88 -10.49 -6.42
C ASN A 153 -36.96 -11.33 -7.31
N TYR A 154 -37.53 -12.08 -8.25
CA TYR A 154 -36.73 -13.03 -9.02
C TYR A 154 -35.65 -12.33 -9.83
N ASP A 155 -36.02 -11.33 -10.63
CA ASP A 155 -35.05 -10.70 -11.51
C ASP A 155 -33.95 -10.01 -10.72
N MET A 156 -34.27 -9.43 -9.57
CA MET A 156 -33.23 -8.78 -8.77
C MET A 156 -32.26 -9.81 -8.21
N LEU A 157 -32.77 -10.97 -7.79
CA LEU A 157 -31.88 -12.04 -7.32
C LEU A 157 -31.01 -12.57 -8.46
N LEU A 158 -31.63 -12.91 -9.59
CA LEU A 158 -30.87 -13.30 -10.77
C LEU A 158 -29.75 -12.31 -11.07
N ALA A 159 -30.07 -11.02 -11.03
CA ALA A 159 -29.09 -10.01 -11.44
C ALA A 159 -27.86 -10.00 -10.55
N ILE A 160 -27.99 -10.41 -9.28
CA ILE A 160 -26.83 -10.46 -8.40
C ILE A 160 -25.82 -11.48 -8.90
N PHE A 161 -26.29 -12.62 -9.37
CA PHE A 161 -25.44 -13.77 -9.65
C PHE A 161 -25.34 -14.14 -11.11
N ASN A 162 -25.99 -13.43 -12.01
CA ASN A 162 -25.94 -13.76 -13.43
C ASN A 162 -24.51 -13.66 -13.96
N PRO A 163 -23.92 -14.76 -14.48
CA PRO A 163 -22.65 -14.68 -15.22
C PRO A 163 -23.12 -14.54 -16.66
N GLU A 164 -23.51 -13.33 -17.02
CA GLU A 164 -23.63 -12.95 -18.40
C GLU A 164 -22.65 -11.82 -18.62
N GLY A 165 -21.88 -11.92 -19.70
CA GLY A 165 -20.85 -10.93 -19.93
C GLY A 165 -19.56 -11.61 -20.35
N TRP A 166 -18.43 -11.16 -19.82
CA TRP A 166 -17.20 -11.88 -20.06
C TRP A 166 -16.46 -12.06 -18.74
N LEU A 167 -15.55 -13.02 -18.75
CA LEU A 167 -14.78 -13.37 -17.57
C LEU A 167 -13.34 -13.56 -18.03
N GLU A 168 -12.42 -12.81 -17.42
CA GLU A 168 -11.00 -12.97 -17.64
C GLU A 168 -10.45 -13.88 -16.55
N ILE A 169 -9.81 -14.99 -16.95
CA ILE A 169 -9.17 -15.88 -16.00
C ILE A 169 -7.79 -15.32 -15.70
N THR A 170 -7.59 -14.80 -14.49
CA THR A 170 -6.34 -14.12 -14.16
C THR A 170 -5.39 -15.01 -13.35
N TYR A 171 -5.86 -16.16 -12.88
CA TYR A 171 -5.02 -17.08 -12.12
C TYR A 171 -5.68 -18.45 -12.15
N VAL A 172 -4.89 -19.47 -12.38
CA VAL A 172 -5.36 -20.83 -12.08
C VAL A 172 -4.18 -21.73 -11.79
N ASP A 173 -4.29 -22.50 -10.72
CA ASP A 173 -3.32 -23.57 -10.45
C ASP A 173 -4.15 -24.82 -10.19
N GLU A 174 -3.53 -25.82 -9.55
CA GLU A 174 -4.21 -27.10 -9.36
C GLU A 174 -5.44 -26.99 -8.46
N SER A 175 -5.56 -25.92 -7.68
CA SER A 175 -6.58 -25.83 -6.65
C SER A 175 -7.32 -24.49 -6.56
N LEU A 176 -6.84 -23.42 -7.21
CA LEU A 176 -7.39 -22.09 -7.01
C LEU A 176 -7.56 -21.43 -8.37
N ARG A 177 -8.62 -20.62 -8.51
CA ARG A 177 -8.94 -19.90 -9.72
C ARG A 177 -9.30 -18.47 -9.37
N ILE A 178 -8.80 -17.48 -10.14
CA ILE A 178 -9.20 -16.08 -9.96
C ILE A 178 -9.69 -15.54 -11.29
N GLY A 179 -10.75 -14.72 -11.24
CA GLY A 179 -11.29 -14.14 -12.45
C GLY A 179 -11.76 -12.72 -12.21
N ARG A 180 -11.85 -11.96 -13.30
CA ARG A 180 -12.39 -10.61 -13.30
C ARG A 180 -13.42 -10.49 -14.40
N ASP A 181 -14.49 -9.76 -14.15
CA ASP A 181 -15.53 -9.73 -15.16
C ASP A 181 -15.63 -8.35 -15.79
N ASP A 182 -16.64 -8.20 -16.65
CA ASP A 182 -16.85 -6.97 -17.40
C ASP A 182 -17.35 -5.84 -16.52
N LYS A 183 -17.71 -6.13 -15.28
CA LYS A 183 -18.10 -5.12 -14.31
C LYS A 183 -16.97 -4.82 -13.31
N ALA A 184 -15.78 -5.34 -13.58
CA ALA A 184 -14.61 -5.20 -12.72
C ALA A 184 -14.78 -5.87 -11.37
N ASN A 185 -15.71 -6.83 -11.24
CA ASN A 185 -15.70 -7.71 -10.08
C ASN A 185 -14.48 -8.61 -10.08
N ILE A 186 -14.18 -9.15 -8.90
CA ILE A 186 -13.13 -10.14 -8.69
C ILE A 186 -13.79 -11.35 -8.06
N PHE A 187 -13.49 -12.54 -8.58
CA PHE A 187 -14.01 -13.80 -8.06
C PHE A 187 -12.85 -14.75 -7.81
N VAL A 188 -12.77 -15.28 -6.59
CA VAL A 188 -11.78 -16.28 -6.24
C VAL A 188 -12.50 -17.57 -5.86
N LEU A 189 -12.14 -18.67 -6.52
CA LEU A 189 -12.81 -19.96 -6.29
C LEU A 189 -11.77 -21.05 -6.08
N GLU A 190 -12.14 -22.06 -5.28
CA GLU A 190 -11.31 -23.23 -5.06
C GLU A 190 -11.98 -24.46 -5.68
N ARG A 191 -11.16 -25.43 -6.06
CA ARG A 191 -11.68 -26.69 -6.59
C ARG A 191 -12.60 -27.38 -5.59
N ALA A 192 -13.70 -27.92 -6.09
CA ALA A 192 -14.63 -28.69 -5.26
C ALA A 192 -15.14 -29.87 -6.06
N ASP A 193 -15.74 -30.82 -5.35
CA ASP A 193 -16.31 -31.99 -6.04
C ASP A 193 -17.75 -31.71 -6.46
N PRO A 194 -18.12 -32.07 -7.69
CA PRO A 194 -19.50 -31.79 -8.14
C PRO A 194 -20.56 -32.41 -7.25
N SER A 195 -20.26 -33.54 -6.61
CA SER A 195 -21.25 -34.16 -5.73
C SER A 195 -21.51 -33.32 -4.48
N GLU A 196 -20.63 -32.38 -4.15
CA GLU A 196 -20.83 -31.49 -3.01
C GLU A 196 -21.88 -30.42 -3.29
N VAL A 197 -22.28 -30.24 -4.55
CA VAL A 197 -23.26 -29.23 -4.88
C VAL A 197 -24.68 -29.70 -4.61
N LEU B 4 -19.71 10.38 -16.68
CA LEU B 4 -18.29 10.77 -16.47
C LEU B 4 -18.14 12.30 -16.56
N GLY B 5 -18.63 12.94 -17.61
CA GLY B 5 -18.42 14.40 -17.77
C GLY B 5 -19.17 15.13 -16.69
N ASP B 6 -20.29 14.58 -16.30
CA ASP B 6 -21.10 15.12 -15.21
C ASP B 6 -20.28 15.11 -13.92
N ALA B 7 -19.68 13.97 -13.62
CA ALA B 7 -18.82 13.90 -12.43
C ALA B 7 -17.59 14.78 -12.59
N LYS B 8 -16.97 14.77 -13.78
CA LYS B 8 -15.80 15.60 -14.00
C LYS B 8 -16.12 17.08 -13.87
N ASP B 9 -17.25 17.54 -14.43
CA ASP B 9 -17.60 18.94 -14.26
C ASP B 9 -17.77 19.29 -12.80
N ALA B 10 -18.39 18.41 -12.03
CA ALA B 10 -18.58 18.67 -10.61
C ALA B 10 -17.24 18.67 -9.87
N LEU B 11 -16.31 17.82 -10.29
CA LEU B 11 -15.01 17.80 -9.60
C LEU B 11 -14.23 19.09 -9.85
N TYR B 12 -14.24 19.58 -11.10
CA TYR B 12 -13.58 20.85 -11.37
C TYR B 12 -14.26 22.00 -10.63
N ALA B 13 -15.59 21.97 -10.50
CA ALA B 13 -16.28 23.01 -9.75
C ALA B 13 -15.85 23.00 -8.29
N ALA B 14 -15.68 21.82 -7.71
CA ALA B 14 -15.25 21.69 -6.32
C ALA B 14 -13.80 22.10 -6.12
N LEU B 15 -12.95 21.95 -7.14
CA LEU B 15 -11.55 22.35 -7.05
C LEU B 15 -11.30 23.83 -7.27
N GLU B 16 -12.29 24.60 -7.72
CA GLU B 16 -12.06 26.01 -8.02
C GLU B 16 -11.60 26.76 -6.77
N GLY B 17 -10.51 27.51 -6.90
CA GLY B 17 -9.96 28.30 -5.83
C GLY B 17 -9.27 27.54 -4.73
N MET B 18 -9.03 26.24 -4.90
CA MET B 18 -8.55 25.40 -3.83
C MET B 18 -7.04 25.16 -3.92
N ASN B 19 -6.38 25.72 -4.95
CA ASN B 19 -4.96 25.48 -5.23
C ASN B 19 -4.58 24.01 -5.10
N ARG B 20 -5.41 23.11 -5.64
CA ARG B 20 -5.06 21.70 -5.75
C ARG B 20 -4.95 20.99 -4.42
N GLY B 21 -5.30 21.67 -3.32
CA GLY B 21 -5.19 21.13 -1.98
C GLY B 21 -3.81 21.21 -1.36
N ILE B 22 -2.83 21.81 -2.04
CA ILE B 22 -1.47 21.68 -1.58
C ILE B 22 -1.21 22.55 -0.37
N PHE B 23 -2.09 23.51 -0.10
CA PHE B 23 -2.00 24.26 1.15
C PHE B 23 -3.23 24.02 2.03
N GLY B 24 -3.80 22.82 1.96
CA GLY B 24 -4.84 22.39 2.87
C GLY B 24 -6.23 22.74 2.39
N MET B 25 -7.22 22.20 3.12
CA MET B 25 -8.61 22.59 2.94
C MET B 25 -9.40 22.09 4.13
N THR B 26 -10.66 22.52 4.22
CA THR B 26 -11.54 22.09 5.28
C THR B 26 -11.91 20.61 5.13
N SER B 27 -12.41 20.04 6.23
CA SER B 27 -12.87 18.64 6.19
C SER B 27 -14.00 18.46 5.19
N GLU B 28 -14.94 19.42 5.17
CA GLU B 28 -16.06 19.32 4.24
C GLU B 28 -15.58 19.34 2.79
N LYS B 29 -14.63 20.23 2.49
CA LYS B 29 -14.11 20.30 1.12
C LYS B 29 -13.38 19.02 0.73
N ARG B 30 -12.58 18.48 1.65
CA ARG B 30 -11.93 17.19 1.42
C ARG B 30 -12.94 16.09 1.15
N SER B 31 -14.01 16.04 1.95
CA SER B 31 -15.02 15.02 1.74
C SER B 31 -15.70 15.19 0.38
N GLU B 32 -15.95 16.44 0.00
CA GLU B 32 -16.60 16.72 -1.28
C GLU B 32 -15.74 16.21 -2.44
N ILE B 33 -14.46 16.54 -2.43
CA ILE B 33 -13.58 16.13 -3.54
C ILE B 33 -13.43 14.61 -3.58
N HIS B 34 -13.25 13.98 -2.42
CA HIS B 34 -13.03 12.55 -2.39
C HIS B 34 -14.29 11.79 -2.78
N ALA B 35 -15.47 12.33 -2.44
CA ALA B 35 -16.71 11.72 -2.94
C ALA B 35 -16.71 11.69 -4.47
N LEU B 36 -16.31 12.80 -5.10
CA LEU B 36 -16.30 12.85 -6.55
C LEU B 36 -15.23 11.93 -7.12
N VAL B 37 -14.08 11.85 -6.44
CA VAL B 37 -13.03 10.95 -6.90
C VAL B 37 -13.51 9.50 -6.84
N GLU B 38 -14.17 9.13 -5.74
CA GLU B 38 -14.63 7.76 -5.58
C GLU B 38 -15.71 7.43 -6.61
N LEU B 39 -16.55 8.41 -6.95
CA LEU B 39 -17.54 8.18 -8.00
C LEU B 39 -16.88 7.92 -9.35
N LEU B 40 -15.87 8.72 -9.69
CA LEU B 40 -15.15 8.49 -10.95
C LEU B 40 -14.48 7.12 -10.94
N GLU B 41 -13.83 6.77 -9.82
CA GLU B 41 -13.15 5.48 -9.71
C GLU B 41 -14.13 4.31 -9.90
N SER B 42 -15.36 4.47 -9.41
CA SER B 42 -16.34 3.39 -9.54
C SER B 42 -16.78 3.20 -10.98
N LYS B 43 -16.54 4.19 -11.84
CA LYS B 43 -16.96 4.14 -13.23
C LYS B 43 -15.76 4.15 -14.18
N ASN B 44 -14.58 3.74 -13.68
CA ASN B 44 -13.33 3.83 -14.44
C ASN B 44 -13.43 3.09 -15.78
N PRO B 45 -13.27 3.78 -16.91
CA PRO B 45 -13.40 3.11 -18.21
C PRO B 45 -12.14 2.41 -18.68
N THR B 46 -11.06 2.48 -17.89
CA THR B 46 -9.84 1.72 -18.15
C THR B 46 -9.53 0.81 -16.96
N PRO B 47 -10.34 -0.23 -16.77
CA PRO B 47 -10.04 -1.23 -15.74
C PRO B 47 -8.81 -2.02 -16.14
N GLU B 48 -8.17 -2.60 -15.12
CA GLU B 48 -6.89 -3.27 -15.28
C GLU B 48 -5.94 -2.41 -16.12
N PRO B 49 -5.68 -1.17 -15.69
CA PRO B 49 -4.98 -0.21 -16.55
C PRO B 49 -3.57 -0.63 -16.92
N THR B 50 -2.87 -1.45 -16.13
CA THR B 50 -1.49 -1.75 -16.51
C THR B 50 -1.41 -2.70 -17.70
N ASP B 51 -2.52 -3.32 -18.11
CA ASP B 51 -2.56 -4.03 -19.38
C ASP B 51 -2.69 -3.09 -20.56
N LYS B 52 -2.85 -1.79 -20.34
CA LYS B 52 -3.25 -0.88 -21.41
C LYS B 52 -2.55 0.46 -21.30
N LEU B 53 -1.34 0.50 -20.72
CA LEU B 53 -0.75 1.79 -20.41
C LEU B 53 -0.50 2.61 -21.67
N GLN B 54 -0.23 1.95 -22.79
CA GLN B 54 0.14 2.67 -24.01
C GLN B 54 -1.01 3.53 -24.54
N ASP B 55 -2.26 3.11 -24.34
CA ASP B 55 -3.35 3.82 -24.97
C ASP B 55 -3.73 5.07 -24.18
N LYS B 56 -3.74 4.97 -22.86
CA LYS B 56 -4.36 5.98 -22.01
C LYS B 56 -3.37 6.73 -21.14
N VAL B 57 -2.41 6.02 -20.55
CA VAL B 57 -1.58 6.59 -19.48
C VAL B 57 -0.37 7.33 -20.03
N ASP B 58 0.18 6.88 -21.16
CA ASP B 58 1.32 7.54 -21.80
C ASP B 58 1.06 9.01 -22.06
N GLY B 59 2.02 9.86 -21.65
CA GLY B 59 2.00 11.26 -22.02
C GLY B 59 2.19 12.19 -20.83
N CYS B 60 1.79 13.44 -21.06
CA CYS B 60 1.92 14.59 -20.17
C CYS B 60 0.67 14.81 -19.33
N TRP B 61 0.86 15.01 -18.02
CA TRP B 61 -0.23 15.20 -17.08
C TRP B 61 0.08 16.37 -16.15
N ARG B 62 -0.94 17.16 -15.84
CA ARG B 62 -0.81 18.28 -14.91
C ARG B 62 -1.67 17.98 -13.68
N LEU B 63 -1.06 18.10 -12.50
CA LEU B 63 -1.78 17.79 -11.27
C LEU B 63 -2.87 18.82 -11.00
N VAL B 64 -4.10 18.35 -10.75
CA VAL B 64 -5.19 19.25 -10.37
C VAL B 64 -5.65 19.04 -8.93
N TYR B 65 -5.31 17.93 -8.30
CA TYR B 65 -5.68 17.70 -6.90
C TYR B 65 -4.73 16.68 -6.31
N SER B 66 -4.35 16.92 -5.06
CA SER B 66 -3.52 16.00 -4.32
C SER B 66 -3.85 16.09 -2.84
N THR B 67 -3.60 14.99 -2.14
CA THR B 67 -3.68 15.00 -0.68
C THR B 67 -2.36 15.36 -0.02
N ILE B 68 -1.30 15.65 -0.76
CA ILE B 68 -0.12 16.14 -0.07
C ILE B 68 -0.28 17.65 0.13
N SER B 69 -0.15 18.08 1.37
CA SER B 69 -0.17 19.49 1.70
C SER B 69 1.14 19.86 2.35
N ILE B 70 1.49 21.13 2.24
CA ILE B 70 2.70 21.68 2.83
C ILE B 70 2.27 22.83 3.74
N LEU B 71 2.34 22.60 5.05
CA LEU B 71 1.69 23.47 6.00
C LEU B 71 2.59 23.69 7.21
N GLY B 72 2.35 24.79 7.91
CA GLY B 72 2.98 24.99 9.21
C GLY B 72 4.48 25.16 9.10
N LYS B 73 5.19 24.54 10.06
CA LYS B 73 6.64 24.69 10.18
C LYS B 73 7.34 24.33 8.87
N LYS B 74 6.92 23.24 8.22
CA LYS B 74 7.66 22.80 7.04
C LYS B 74 7.42 23.76 5.87
N ARG B 75 6.24 24.37 5.79
CA ARG B 75 5.99 25.42 4.81
C ARG B 75 6.89 26.63 5.04
N THR B 76 7.03 27.04 6.31
CA THR B 76 7.92 28.15 6.61
C THR B 76 9.36 27.82 6.25
N LYS B 77 9.80 26.61 6.62
CA LYS B 77 11.19 26.20 6.41
C LYS B 77 11.56 26.22 4.93
N LEU B 78 10.64 25.78 4.06
CA LEU B 78 10.86 25.81 2.62
C LEU B 78 10.62 27.18 2.00
N GLY B 79 10.30 28.19 2.82
CA GLY B 79 10.18 29.55 2.34
C GLY B 79 8.96 29.78 1.46
N LEU B 80 7.92 28.97 1.62
CA LEU B 80 6.77 29.05 0.74
C LEU B 80 5.74 30.08 1.20
N ARG B 81 6.01 30.80 2.30
CA ARG B 81 5.15 31.90 2.72
C ARG B 81 5.04 32.94 1.62
N ASP B 82 6.07 33.77 1.55
CA ASP B 82 6.14 34.90 0.63
C ASP B 82 7.32 34.81 -0.32
N PHE B 83 8.33 34.03 0.01
CA PHE B 83 9.58 34.02 -0.75
C PHE B 83 9.45 33.21 -2.05
N ILE B 84 9.10 31.93 -1.92
CA ILE B 84 9.05 31.02 -3.06
C ILE B 84 7.59 30.70 -3.35
N SER B 85 7.24 30.64 -4.62
CA SER B 85 5.88 30.30 -5.05
C SER B 85 5.90 28.94 -5.71
N LEU B 86 5.02 28.05 -5.27
CA LEU B 86 4.94 26.70 -5.83
C LEU B 86 4.00 26.74 -7.03
N GLY B 87 4.55 26.47 -8.20
CA GLY B 87 3.80 26.50 -9.44
C GLY B 87 3.19 25.17 -9.80
N ASP B 88 3.06 24.92 -11.09
CA ASP B 88 2.38 23.73 -11.53
C ASP B 88 3.24 22.49 -11.31
N PHE B 89 2.57 21.36 -11.17
CA PHE B 89 3.13 20.03 -10.95
C PHE B 89 2.76 19.18 -12.15
N PHE B 90 3.74 18.74 -12.92
CA PHE B 90 3.48 17.85 -14.04
C PHE B 90 4.05 16.46 -13.77
N GLN B 91 3.41 15.44 -14.35
CA GLN B 91 3.97 14.12 -14.31
C GLN B 91 3.90 13.52 -15.71
N MET B 92 5.05 13.14 -16.25
CA MET B 92 5.12 12.48 -17.55
C MET B 92 5.33 10.99 -17.35
N ILE B 93 4.49 10.20 -18.02
CA ILE B 93 4.68 8.77 -18.08
C ILE B 93 5.13 8.43 -19.50
N ASP B 94 6.32 7.88 -19.63
CA ASP B 94 6.84 7.51 -20.95
C ASP B 94 6.85 5.97 -20.98
N VAL B 95 5.81 5.41 -21.60
CA VAL B 95 5.54 3.99 -21.49
C VAL B 95 6.59 3.19 -22.25
N LYS B 96 7.02 3.67 -23.43
CA LYS B 96 8.00 2.89 -24.18
C LYS B 96 9.35 2.86 -23.47
N GLU B 97 9.68 3.89 -22.69
CA GLU B 97 10.92 3.83 -21.93
C GLU B 97 10.75 3.37 -20.50
N GLU B 98 9.51 3.15 -20.08
CA GLU B 98 9.19 2.73 -18.72
C GLU B 98 9.78 3.72 -17.70
N LYS B 99 9.55 5.01 -17.96
CA LYS B 99 10.01 6.10 -17.10
C LYS B 99 8.83 6.92 -16.60
N ALA B 100 9.01 7.55 -15.43
CA ALA B 100 8.04 8.51 -14.90
C ALA B 100 8.85 9.71 -14.43
N VAL B 101 8.44 10.91 -14.84
CA VAL B 101 9.20 12.11 -14.53
C VAL B 101 8.25 13.09 -13.87
N ASN B 102 8.62 13.60 -12.70
CA ASN B 102 7.87 14.67 -12.05
C ASN B 102 8.58 15.99 -12.29
N VAL B 103 7.82 17.03 -12.67
CA VAL B 103 8.36 18.37 -12.83
C VAL B 103 7.53 19.28 -11.94
N ILE B 104 8.18 19.91 -10.95
CA ILE B 104 7.49 20.75 -10.00
C ILE B 104 8.07 22.15 -10.16
N LYS B 105 7.24 23.10 -10.58
CA LYS B 105 7.70 24.44 -10.92
C LYS B 105 7.72 25.34 -9.69
N PHE B 106 8.74 26.20 -9.63
CA PHE B 106 8.87 27.18 -8.56
C PHE B 106 9.23 28.53 -9.16
N SER B 107 8.83 29.60 -8.46
CA SER B 107 9.24 30.95 -8.83
C SER B 107 9.53 31.73 -7.58
N ALA B 108 10.35 32.76 -7.74
CA ALA B 108 10.68 33.71 -6.66
C ALA B 108 10.79 35.07 -7.34
N ARG B 109 9.63 35.74 -7.47
CA ARG B 109 9.58 36.98 -8.23
C ARG B 109 10.55 38.02 -7.69
N ALA B 110 10.70 38.08 -6.37
CA ALA B 110 11.53 39.12 -5.77
C ALA B 110 13.00 38.91 -6.10
N LEU B 111 13.38 37.68 -6.44
CA LEU B 111 14.73 37.34 -6.87
C LEU B 111 14.84 37.19 -8.37
N LYS B 112 13.77 37.50 -9.11
CA LYS B 112 13.78 37.47 -10.56
C LYS B 112 14.04 36.06 -11.10
N ILE B 113 13.76 35.05 -10.27
CA ILE B 113 13.70 33.67 -10.72
C ILE B 113 12.26 33.39 -11.09
N LEU B 114 11.92 33.69 -12.35
CA LEU B 114 10.55 33.50 -12.81
C LEU B 114 10.28 32.07 -13.24
N SER B 115 11.30 31.37 -13.73
CA SER B 115 11.17 30.00 -14.17
C SER B 115 12.23 29.15 -13.49
N GLY B 116 11.76 28.10 -12.82
CA GLY B 116 12.64 27.13 -12.18
C GLY B 116 11.84 25.90 -11.84
N GLN B 117 12.54 24.80 -11.56
CA GLN B 117 11.78 23.58 -11.34
C GLN B 117 12.62 22.52 -10.63
N LEU B 118 11.94 21.68 -9.86
CA LEU B 118 12.48 20.43 -9.36
C LEU B 118 12.10 19.34 -10.37
N THR B 119 13.10 18.62 -10.88
CA THR B 119 12.88 17.55 -11.84
C THR B 119 13.26 16.23 -11.19
N ILE B 120 12.33 15.29 -11.16
CA ILE B 120 12.56 14.00 -10.52
C ILE B 120 12.40 12.92 -11.58
N GLU B 121 13.48 12.19 -11.87
CA GLU B 121 13.44 11.14 -12.88
C GLU B 121 13.32 9.78 -12.21
N ALA B 122 12.31 9.00 -12.60
CA ALA B 122 12.06 7.72 -11.98
C ALA B 122 11.86 6.67 -13.07
N SER B 123 12.07 5.42 -12.69
CA SER B 123 11.69 4.29 -13.52
C SER B 123 10.50 3.59 -12.90
N TYR B 124 9.71 2.92 -13.73
CA TYR B 124 8.62 2.12 -13.19
C TYR B 124 8.66 0.74 -13.80
N LYS B 125 8.04 -0.19 -13.07
CA LYS B 125 7.82 -1.55 -13.52
C LYS B 125 6.39 -1.92 -13.20
N ILE B 126 5.68 -2.53 -14.16
CA ILE B 126 4.34 -3.03 -13.89
C ILE B 126 4.45 -4.18 -12.90
N THR B 127 3.64 -4.15 -11.85
CA THR B 127 3.68 -5.19 -10.85
C THR B 127 2.36 -5.90 -10.62
N THR B 128 1.22 -5.24 -10.84
CA THR B 128 -0.10 -5.89 -10.76
C THR B 128 -0.99 -5.30 -11.84
N LYS B 129 -2.24 -5.78 -11.89
CA LYS B 129 -3.21 -5.28 -12.86
C LYS B 129 -3.49 -3.79 -12.68
N THR B 130 -3.21 -3.25 -11.51
CA THR B 130 -3.53 -1.86 -11.23
C THR B 130 -2.33 -1.02 -10.80
N LYS B 131 -1.18 -1.65 -10.50
CA LYS B 131 -0.11 -0.94 -9.81
C LYS B 131 1.19 -0.99 -10.60
N VAL B 132 1.94 0.09 -10.54
CA VAL B 132 3.33 0.13 -10.97
C VAL B 132 4.20 0.43 -9.75
N ASP B 133 5.37 -0.18 -9.72
CA ASP B 133 6.41 0.12 -8.74
C ASP B 133 7.32 1.20 -9.32
N ILE B 134 7.53 2.28 -8.58
CA ILE B 134 8.27 3.44 -9.08
C ILE B 134 9.56 3.56 -8.27
N THR B 135 10.68 3.74 -8.94
CA THR B 135 12.00 3.82 -8.31
C THR B 135 12.65 5.14 -8.70
N LEU B 136 13.11 5.91 -7.73
CA LEU B 136 13.84 7.14 -8.04
C LEU B 136 15.19 6.84 -8.69
N ASP B 137 15.47 7.51 -9.81
CA ASP B 137 16.75 7.43 -10.51
C ASP B 137 17.64 8.64 -10.20
N SER B 138 17.10 9.85 -10.30
CA SER B 138 17.87 11.06 -10.08
C SER B 138 16.93 12.22 -9.85
N SER B 139 17.48 13.33 -9.35
CA SER B 139 16.68 14.54 -9.28
C SER B 139 17.61 15.72 -9.39
N THR B 140 17.09 16.84 -9.89
CA THR B 140 17.85 18.08 -9.94
C THR B 140 16.93 19.26 -9.67
N ILE B 141 17.52 20.39 -9.31
CA ILE B 141 16.81 21.66 -9.24
C ILE B 141 17.52 22.63 -10.16
N THR B 142 16.75 23.32 -11.00
CA THR B 142 17.27 24.30 -11.95
C THR B 142 16.40 25.54 -11.92
N PRO B 143 16.97 26.72 -12.23
CA PRO B 143 18.39 27.00 -12.49
C PRO B 143 19.25 26.90 -11.21
N ASP B 144 20.54 27.18 -11.32
CA ASP B 144 21.42 27.07 -10.15
C ASP B 144 21.01 28.05 -9.06
N GLN B 145 20.46 29.21 -9.43
CA GLN B 145 20.04 30.16 -8.41
C GLN B 145 18.92 29.60 -7.57
N LEU B 146 18.06 28.74 -8.13
CA LEU B 146 17.02 28.13 -7.32
C LEU B 146 17.56 26.96 -6.52
N MET B 147 18.48 26.18 -7.12
CA MET B 147 19.15 25.10 -6.39
C MET B 147 19.86 25.63 -5.15
N ASN B 148 20.52 26.77 -5.27
CA ASN B 148 21.25 27.33 -4.13
C ASN B 148 20.30 27.68 -2.99
N ILE B 149 19.13 28.24 -3.33
CA ILE B 149 18.16 28.58 -2.30
C ILE B 149 17.73 27.34 -1.53
N PHE B 150 17.49 26.24 -2.26
CA PHE B 150 16.97 25.03 -1.67
C PHE B 150 18.05 24.06 -1.18
N GLN B 151 19.34 24.36 -1.39
CA GLN B 151 20.40 23.39 -1.11
C GLN B 151 20.30 22.82 0.31
N LYS B 152 20.15 23.67 1.31
CA LYS B 152 20.13 23.17 2.70
C LYS B 152 18.95 22.27 2.96
N ASN B 153 17.80 22.52 2.33
CA ASN B 153 16.62 21.70 2.55
C ASN B 153 16.28 20.82 1.34
N TYR B 154 17.29 20.48 0.54
CA TYR B 154 17.07 19.64 -0.65
C TYR B 154 16.29 18.38 -0.32
N ASP B 155 16.75 17.64 0.69
CA ASP B 155 16.18 16.33 0.98
C ASP B 155 14.71 16.42 1.38
N MET B 156 14.36 17.38 2.24
CA MET B 156 12.96 17.41 2.67
C MET B 156 12.05 17.92 1.55
N LEU B 157 12.56 18.77 0.66
CA LEU B 157 11.79 19.13 -0.52
C LEU B 157 11.58 17.92 -1.43
N LEU B 158 12.65 17.18 -1.72
CA LEU B 158 12.53 15.97 -2.53
C LEU B 158 11.53 14.98 -1.93
N ALA B 159 11.56 14.82 -0.60
CA ALA B 159 10.70 13.83 0.05
C ALA B 159 9.22 14.12 -0.19
N ILE B 160 8.85 15.40 -0.32
CA ILE B 160 7.44 15.74 -0.50
C ILE B 160 6.93 15.23 -1.85
N PHE B 161 7.76 15.28 -2.90
CA PHE B 161 7.30 15.03 -4.26
C PHE B 161 7.86 13.75 -4.87
N ASN B 162 8.66 13.01 -4.15
CA ASN B 162 9.27 11.79 -4.65
C ASN B 162 8.21 10.72 -4.91
N PRO B 163 8.09 10.18 -6.13
CA PRO B 163 7.06 9.16 -6.39
C PRO B 163 7.50 7.74 -6.03
N GLU B 164 8.70 7.55 -5.48
CA GLU B 164 9.19 6.23 -5.12
C GLU B 164 8.18 5.49 -4.25
N GLY B 165 7.91 4.23 -4.61
CA GLY B 165 6.92 3.44 -3.90
C GLY B 165 6.05 2.74 -4.91
N TRP B 166 4.76 2.61 -4.66
CA TRP B 166 3.87 2.10 -5.70
C TRP B 166 2.73 3.06 -5.95
N LEU B 167 2.21 3.02 -7.17
CA LEU B 167 1.11 3.87 -7.60
C LEU B 167 0.03 2.98 -8.19
N GLU B 168 -1.16 3.03 -7.60
CA GLU B 168 -2.33 2.34 -8.11
C GLU B 168 -3.07 3.29 -9.05
N ILE B 169 -3.23 2.90 -10.32
CA ILE B 169 -3.92 3.75 -11.28
C ILE B 169 -5.39 3.36 -11.17
N THR B 170 -6.22 4.27 -10.65
CA THR B 170 -7.62 3.97 -10.36
C THR B 170 -8.59 4.57 -11.35
N TYR B 171 -8.12 5.40 -12.26
CA TYR B 171 -9.01 6.00 -13.26
C TYR B 171 -8.14 6.55 -14.38
N VAL B 172 -8.52 6.28 -15.63
CA VAL B 172 -7.93 7.08 -16.70
C VAL B 172 -8.89 7.08 -17.86
N ASP B 173 -9.02 8.24 -18.48
CA ASP B 173 -9.76 8.37 -19.73
C ASP B 173 -8.97 9.33 -20.61
N GLU B 174 -9.66 9.93 -21.58
CA GLU B 174 -8.97 10.78 -22.55
C GLU B 174 -8.35 12.01 -21.90
N SER B 175 -8.95 12.52 -20.83
CA SER B 175 -8.50 13.78 -20.27
C SER B 175 -8.09 13.73 -18.81
N LEU B 176 -8.36 12.65 -18.09
CA LEU B 176 -8.20 12.66 -16.63
C LEU B 176 -7.60 11.35 -16.15
N ARG B 177 -6.76 11.44 -15.11
CA ARG B 177 -6.15 10.24 -14.53
C ARG B 177 -6.16 10.40 -13.02
N ILE B 178 -6.49 9.32 -12.31
CA ILE B 178 -6.45 9.31 -10.84
C ILE B 178 -5.55 8.19 -10.38
N GLY B 179 -4.81 8.44 -9.31
CA GLY B 179 -3.94 7.42 -8.74
C GLY B 179 -3.92 7.52 -7.23
N ARG B 180 -3.57 6.40 -6.59
CA ARG B 180 -3.42 6.32 -5.14
C ARG B 180 -2.09 5.64 -4.83
N ASP B 181 -1.38 6.14 -3.83
CA ASP B 181 -0.03 5.61 -3.61
C ASP B 181 0.01 4.79 -2.32
N ASP B 182 1.21 4.29 -2.01
CA ASP B 182 1.35 3.43 -0.84
C ASP B 182 1.19 4.19 0.47
N LYS B 183 1.20 5.53 0.43
CA LYS B 183 0.94 6.33 1.62
C LYS B 183 -0.52 6.74 1.75
N ALA B 184 -1.41 6.15 0.95
CA ALA B 184 -2.84 6.47 0.91
C ALA B 184 -3.13 7.85 0.37
N ASN B 185 -2.19 8.48 -0.34
CA ASN B 185 -2.49 9.72 -1.02
C ASN B 185 -3.38 9.48 -2.25
N ILE B 186 -4.09 10.54 -2.66
CA ILE B 186 -4.81 10.59 -3.91
C ILE B 186 -4.19 11.67 -4.80
N PHE B 187 -3.97 11.35 -6.07
CA PHE B 187 -3.49 12.32 -7.06
C PHE B 187 -4.42 12.31 -8.26
N VAL B 188 -4.97 13.48 -8.59
CA VAL B 188 -5.80 13.65 -9.78
C VAL B 188 -5.05 14.54 -10.76
N LEU B 189 -4.91 14.09 -12.01
CA LEU B 189 -4.20 14.85 -13.03
C LEU B 189 -5.01 14.93 -14.31
N GLU B 190 -4.85 16.03 -15.03
CA GLU B 190 -5.47 16.20 -16.34
C GLU B 190 -4.42 16.18 -17.43
N ARG B 191 -4.82 15.73 -18.61
CA ARG B 191 -3.87 15.69 -19.72
C ARG B 191 -3.43 17.10 -20.10
N ALA B 192 -2.15 17.24 -20.40
CA ALA B 192 -1.57 18.54 -20.69
C ALA B 192 -0.74 18.43 -21.95
N ASP B 193 -0.65 19.53 -22.68
CA ASP B 193 0.23 19.58 -23.82
C ASP B 193 1.67 19.59 -23.31
N PRO B 194 2.56 18.73 -23.82
CA PRO B 194 3.96 18.79 -23.39
C PRO B 194 4.60 20.16 -23.53
N SER B 195 4.06 21.01 -24.42
CA SER B 195 4.53 22.40 -24.53
C SER B 195 4.35 23.18 -23.23
N GLU B 196 3.44 22.76 -22.36
CA GLU B 196 3.19 23.48 -21.12
C GLU B 196 4.27 23.22 -20.07
N VAL B 197 5.01 22.12 -20.17
CA VAL B 197 6.09 21.83 -19.24
C VAL B 197 7.28 22.73 -19.56
N ALA C 3 37.58 16.75 13.26
CA ALA C 3 38.67 15.78 13.27
C ALA C 3 38.11 14.37 13.30
N LEU C 4 37.03 14.19 14.06
CA LEU C 4 36.31 12.92 14.10
C LEU C 4 35.72 12.56 12.75
N GLY C 5 35.73 13.49 11.79
CA GLY C 5 35.15 13.22 10.48
C GLY C 5 35.79 12.02 9.80
N ASP C 6 37.11 11.87 9.92
CA ASP C 6 37.79 10.74 9.29
C ASP C 6 37.37 9.42 9.91
N ALA C 7 37.26 9.37 11.24
CA ALA C 7 36.77 8.15 11.89
C ALA C 7 35.31 7.90 11.53
N LYS C 8 34.52 8.96 11.40
CA LYS C 8 33.13 8.78 11.02
C LYS C 8 32.99 8.32 9.57
N ASP C 9 33.84 8.83 8.67
CA ASP C 9 33.83 8.32 7.29
C ASP C 9 34.18 6.84 7.25
N ALA C 10 35.14 6.42 8.08
CA ALA C 10 35.52 5.01 8.11
C ALA C 10 34.35 4.15 8.55
N LEU C 11 33.60 4.61 9.54
CA LEU C 11 32.43 3.86 9.99
C LEU C 11 31.38 3.75 8.88
N TYR C 12 31.05 4.87 8.25
CA TYR C 12 30.07 4.84 7.17
C TYR C 12 30.55 3.94 6.03
N ALA C 13 31.85 3.96 5.73
CA ALA C 13 32.38 3.07 4.70
C ALA C 13 32.19 1.61 5.11
N ALA C 14 32.43 1.30 6.39
CA ALA C 14 32.23 -0.06 6.86
C ALA C 14 30.76 -0.45 6.84
N LEU C 15 29.85 0.52 6.97
CA LEU C 15 28.42 0.22 6.94
C LEU C 15 27.82 0.15 5.54
N GLU C 16 28.54 0.52 4.49
CA GLU C 16 27.92 0.56 3.18
C GLU C 16 27.50 -0.84 2.75
N GLY C 17 26.25 -0.97 2.31
CA GLY C 17 25.70 -2.24 1.86
C GLY C 17 25.31 -3.22 2.95
N MET C 18 25.41 -2.85 4.23
CA MET C 18 25.15 -3.78 5.32
C MET C 18 23.74 -3.69 5.88
N ASN C 19 22.89 -2.84 5.32
CA ASN C 19 21.52 -2.65 5.80
C ASN C 19 21.47 -2.55 7.33
N ARG C 20 22.38 -1.77 7.90
CA ARG C 20 22.39 -1.45 9.33
C ARG C 20 22.65 -2.65 10.22
N GLY C 21 23.01 -3.81 9.65
CA GLY C 21 23.10 -5.04 10.40
C GLY C 21 21.77 -5.66 10.78
N ILE C 22 20.65 -5.12 10.30
CA ILE C 22 19.35 -5.53 10.85
C ILE C 22 18.92 -6.91 10.38
N PHE C 23 19.48 -7.41 9.29
CA PHE C 23 19.27 -8.80 8.89
C PHE C 23 20.51 -9.66 9.10
N GLY C 24 21.45 -9.18 9.90
CA GLY C 24 22.63 -9.94 10.29
C GLY C 24 23.85 -9.61 9.45
N MET C 25 24.99 -10.11 9.91
CA MET C 25 26.24 -9.96 9.17
C MET C 25 27.22 -10.95 9.76
N THR C 26 28.35 -11.15 9.07
CA THR C 26 29.37 -12.04 9.59
C THR C 26 29.98 -11.49 10.87
N SER C 27 30.54 -12.40 11.67
CA SER C 27 31.25 -12.00 12.88
C SER C 27 32.38 -11.03 12.58
N GLU C 28 33.08 -11.25 11.46
CA GLU C 28 34.21 -10.39 11.09
C GLU C 28 33.76 -8.98 10.76
N LYS C 29 32.71 -8.84 9.96
CA LYS C 29 32.21 -7.51 9.66
C LYS C 29 31.74 -6.80 10.92
N ARG C 30 31.03 -7.52 11.78
CA ARG C 30 30.63 -6.99 13.08
C ARG C 30 31.82 -6.46 13.86
N SER C 31 32.91 -7.23 13.88
CA SER C 31 34.14 -6.84 14.57
C SER C 31 34.70 -5.54 13.98
N GLU C 32 34.83 -5.50 12.66
CA GLU C 32 35.17 -4.27 11.95
C GLU C 32 34.38 -3.07 12.44
N ILE C 33 33.05 -3.16 12.41
CA ILE C 33 32.21 -2.02 12.75
C ILE C 33 32.38 -1.64 14.22
N HIS C 34 32.39 -2.64 15.10
CA HIS C 34 32.49 -2.35 16.52
C HIS C 34 33.83 -1.72 16.87
N ALA C 35 34.90 -2.11 16.15
CA ALA C 35 36.19 -1.48 16.40
C ALA C 35 36.12 0.01 16.08
N LEU C 36 35.39 0.37 15.03
CA LEU C 36 35.24 1.78 14.69
C LEU C 36 34.31 2.48 15.65
N VAL C 37 33.29 1.77 16.14
CA VAL C 37 32.39 2.38 17.13
C VAL C 37 33.15 2.66 18.41
N GLU C 38 33.96 1.72 18.86
CA GLU C 38 34.75 1.95 20.07
C GLU C 38 35.74 3.10 19.90
N LEU C 39 36.30 3.26 18.70
CA LEU C 39 37.23 4.36 18.48
C LEU C 39 36.51 5.70 18.64
N LEU C 40 35.33 5.85 18.01
CA LEU C 40 34.58 7.09 18.19
C LEU C 40 34.20 7.30 19.65
N GLU C 41 33.78 6.24 20.34
CA GLU C 41 33.44 6.37 21.76
C GLU C 41 34.63 6.83 22.57
N SER C 42 35.82 6.34 22.24
CA SER C 42 37.04 6.76 22.95
C SER C 42 37.34 8.24 22.74
N LYS C 43 36.71 8.86 21.73
CA LYS C 43 36.96 10.26 21.37
C LYS C 43 35.69 11.10 21.49
N ASN C 44 34.69 10.63 22.25
CA ASN C 44 33.43 11.33 22.46
C ASN C 44 33.67 12.80 22.82
N PRO C 45 33.18 13.75 22.02
CA PRO C 45 33.37 15.17 22.34
C PRO C 45 32.34 15.73 23.32
N THR C 46 31.35 14.94 23.75
CA THR C 46 30.28 15.44 24.62
C THR C 46 30.29 14.58 25.87
N PRO C 47 31.18 14.85 26.82
CA PRO C 47 31.11 14.18 28.11
C PRO C 47 29.88 14.65 28.86
N GLU C 48 29.48 13.87 29.86
CA GLU C 48 28.28 14.16 30.64
C GLU C 48 27.05 14.47 29.78
N PRO C 49 26.74 13.62 28.79
CA PRO C 49 25.71 14.00 27.84
C PRO C 49 24.33 14.24 28.45
N THR C 50 23.98 13.64 29.60
CA THR C 50 22.64 13.87 30.11
C THR C 50 22.47 15.25 30.74
N ASP C 51 23.55 16.01 30.95
CA ASP C 51 23.41 17.42 31.29
C ASP C 51 22.98 18.28 30.10
N LYS C 52 23.10 17.76 28.87
CA LYS C 52 23.01 18.60 27.69
C LYS C 52 22.01 18.05 26.69
N LEU C 53 20.97 17.36 27.17
CA LEU C 53 20.08 16.67 26.23
C LEU C 53 19.34 17.64 25.31
N GLN C 54 18.96 18.81 25.83
CA GLN C 54 18.22 19.76 24.99
C GLN C 54 19.06 20.17 23.78
N ASP C 55 20.34 20.48 24.01
CA ASP C 55 21.19 21.00 22.95
C ASP C 55 21.75 19.92 22.05
N LYS C 56 21.97 18.70 22.59
CA LYS C 56 22.74 17.68 21.89
C LYS C 56 21.93 16.48 21.45
N VAL C 57 20.76 16.23 22.04
CA VAL C 57 20.08 14.96 21.77
C VAL C 57 18.64 15.19 21.34
N ASP C 58 17.99 16.27 21.80
CA ASP C 58 16.61 16.55 21.40
C ASP C 58 16.46 16.50 19.88
N GLY C 59 15.41 15.82 19.41
CA GLY C 59 15.18 15.84 17.98
C GLY C 59 15.07 14.44 17.42
N CYS C 60 15.16 14.34 16.10
CA CYS C 60 14.86 13.09 15.43
C CYS C 60 16.15 12.47 14.93
N TRP C 61 16.27 11.15 15.10
CA TRP C 61 17.47 10.40 14.75
C TRP C 61 17.09 9.19 13.93
N ARG C 62 17.98 8.80 13.00
CA ARG C 62 17.77 7.65 12.16
C ARG C 62 18.86 6.61 12.41
N LEU C 63 18.45 5.37 12.63
CA LEU C 63 19.41 4.31 12.93
C LEU C 63 20.27 4.04 11.70
N VAL C 64 21.60 4.03 11.89
CA VAL C 64 22.50 3.59 10.84
C VAL C 64 23.18 2.27 11.16
N TYR C 65 23.21 1.84 12.42
CA TYR C 65 23.78 0.54 12.75
C TYR C 65 23.25 0.14 14.12
N SER C 66 22.92 -1.14 14.27
CA SER C 66 22.74 -1.67 15.61
C SER C 66 23.02 -3.16 15.63
N THR C 67 23.09 -3.70 16.85
CA THR C 67 23.27 -5.12 17.07
C THR C 67 21.95 -5.87 17.06
N ILE C 68 20.83 -5.17 16.86
CA ILE C 68 19.54 -5.81 16.67
C ILE C 68 19.51 -6.47 15.30
N SER C 69 19.15 -7.73 15.26
CA SER C 69 19.03 -8.42 13.99
C SER C 69 17.75 -9.25 14.01
N ILE C 70 17.18 -9.42 12.83
CA ILE C 70 15.98 -10.22 12.64
C ILE C 70 16.38 -11.37 11.72
N LEU C 71 16.51 -12.57 12.29
CA LEU C 71 17.07 -13.67 11.52
C LEU C 71 16.14 -14.86 11.48
N GLY C 72 16.51 -15.83 10.65
CA GLY C 72 15.90 -17.14 10.67
C GLY C 72 14.40 -17.12 10.51
N LYS C 73 13.72 -17.90 11.35
CA LYS C 73 12.27 -17.99 11.23
C LYS C 73 11.56 -16.76 11.77
N LYS C 74 12.21 -15.94 12.59
CA LYS C 74 11.55 -14.70 12.99
C LYS C 74 11.45 -13.75 11.79
N ARG C 75 12.50 -13.66 10.98
CA ARG C 75 12.40 -12.88 9.75
C ARG C 75 11.32 -13.44 8.82
N THR C 76 11.26 -14.76 8.66
CA THR C 76 10.23 -15.37 7.82
C THR C 76 8.83 -15.09 8.37
N LYS C 77 8.63 -15.30 9.67
CA LYS C 77 7.30 -15.13 10.28
C LYS C 77 6.75 -13.73 10.10
N LEU C 78 7.63 -12.72 10.17
CA LEU C 78 7.25 -11.32 10.03
C LEU C 78 7.05 -10.91 8.59
N GLY C 79 7.12 -11.86 7.64
CA GLY C 79 6.94 -11.52 6.25
C GLY C 79 8.12 -10.84 5.61
N LEU C 80 9.26 -10.78 6.29
CA LEU C 80 10.38 -9.95 5.87
C LEU C 80 11.34 -10.67 4.95
N ARG C 81 10.97 -11.83 4.42
CA ARG C 81 11.76 -12.50 3.41
C ARG C 81 11.13 -12.38 2.03
N ASP C 82 9.87 -11.94 1.94
CA ASP C 82 9.25 -11.85 0.62
C ASP C 82 8.16 -10.78 0.57
N PHE C 83 7.16 -10.89 1.44
CA PHE C 83 6.00 -10.00 1.34
C PHE C 83 6.34 -8.55 1.69
N ILE C 84 7.14 -8.31 2.73
CA ILE C 84 7.21 -6.99 3.36
C ILE C 84 8.67 -6.53 3.43
N SER C 85 8.87 -5.22 3.31
CA SER C 85 10.18 -4.59 3.42
C SER C 85 10.31 -3.86 4.76
N LEU C 86 11.48 -3.97 5.38
CA LEU C 86 11.77 -3.23 6.61
C LEU C 86 12.46 -1.93 6.24
N GLY C 87 11.84 -0.81 6.55
CA GLY C 87 12.37 0.50 6.24
C GLY C 87 13.19 1.08 7.36
N ASP C 88 13.18 2.40 7.46
CA ASP C 88 14.02 3.07 8.43
C ASP C 88 13.51 2.92 9.85
N PHE C 89 14.43 3.02 10.79
CA PHE C 89 14.17 2.98 12.22
C PHE C 89 14.52 4.36 12.74
N PHE C 90 13.53 5.09 13.23
CA PHE C 90 13.76 6.42 13.78
C PHE C 90 13.58 6.38 15.30
N GLN C 91 14.34 7.22 15.98
CA GLN C 91 14.12 7.43 17.41
C GLN C 91 14.07 8.93 17.63
N MET C 92 12.94 9.41 18.16
CA MET C 92 12.77 10.81 18.50
C MET C 92 12.95 10.96 20.00
N ILE C 93 13.73 11.97 20.39
CA ILE C 93 13.91 12.34 21.78
C ILE C 93 13.25 13.70 21.99
N ASP C 94 12.28 13.75 22.88
CA ASP C 94 11.57 14.98 23.22
C ASP C 94 11.96 15.30 24.66
N VAL C 95 12.90 16.24 24.80
CA VAL C 95 13.52 16.48 26.10
C VAL C 95 12.55 17.19 27.03
N LYS C 96 11.77 18.13 26.50
CA LYS C 96 10.89 18.89 27.38
C LYS C 96 9.81 18.00 28.00
N GLU C 97 9.33 16.99 27.27
CA GLU C 97 8.36 16.02 27.75
C GLU C 97 9.01 14.74 28.27
N GLU C 98 10.35 14.63 28.18
CA GLU C 98 11.10 13.44 28.55
C GLU C 98 10.51 12.19 27.94
N LYS C 99 10.37 12.22 26.62
CA LYS C 99 9.85 11.10 25.86
C LYS C 99 10.93 10.59 24.91
N ALA C 100 10.89 9.30 24.65
CA ALA C 100 11.65 8.66 23.59
C ALA C 100 10.65 7.87 22.77
N VAL C 101 10.62 8.10 21.45
CA VAL C 101 9.67 7.43 20.56
C VAL C 101 10.44 6.72 19.45
N ASN C 102 10.23 5.41 19.33
CA ASN C 102 10.80 4.63 18.23
C ASN C 102 9.74 4.47 17.16
N VAL C 103 10.09 4.77 15.91
CA VAL C 103 9.20 4.58 14.77
C VAL C 103 9.91 3.65 13.79
N ILE C 104 9.32 2.49 13.54
CA ILE C 104 9.90 1.49 12.66
C ILE C 104 9.00 1.35 11.43
N LYS C 105 9.53 1.70 10.27
CA LYS C 105 8.75 1.76 9.04
C LYS C 105 8.70 0.41 8.34
N PHE C 106 7.54 0.10 7.76
CA PHE C 106 7.35 -1.10 6.94
C PHE C 106 6.68 -0.69 5.65
N SER C 107 6.99 -1.39 4.57
CA SER C 107 6.42 -1.04 3.28
C SER C 107 6.43 -2.28 2.40
N ALA C 108 5.91 -2.12 1.18
CA ALA C 108 5.73 -3.26 0.29
C ALA C 108 7.06 -3.87 -0.16
N ARG C 109 7.08 -5.20 -0.23
CA ARG C 109 8.07 -5.92 -1.02
C ARG C 109 7.30 -6.64 -2.12
N ALA C 110 7.14 -7.96 -2.03
CA ALA C 110 6.36 -8.63 -3.07
C ALA C 110 4.88 -8.29 -2.95
N LEU C 111 4.38 -8.11 -1.73
CA LEU C 111 2.98 -7.79 -1.49
C LEU C 111 2.83 -6.28 -1.43
N LYS C 112 1.89 -5.73 -2.20
CA LYS C 112 1.83 -4.27 -2.32
C LYS C 112 0.92 -3.70 -1.23
N ILE C 113 1.39 -3.89 0.03
CA ILE C 113 0.74 -3.33 1.21
C ILE C 113 0.90 -1.83 1.25
N LEU C 114 0.02 -1.19 2.01
CA LEU C 114 0.16 0.21 2.37
C LEU C 114 1.41 0.39 3.24
N SER C 115 2.08 1.52 3.05
CA SER C 115 3.24 1.82 3.91
C SER C 115 2.76 2.20 5.31
N GLY C 116 3.50 1.77 6.33
CA GLY C 116 3.05 2.03 7.68
C GLY C 116 4.20 1.94 8.67
N GLN C 117 3.85 1.84 9.95
CA GLN C 117 4.89 1.89 10.98
C GLN C 117 4.42 1.30 12.30
N LEU C 118 5.38 0.74 13.02
CA LEU C 118 5.25 0.45 14.44
C LEU C 118 5.76 1.67 15.20
N THR C 119 4.92 2.21 16.07
CA THR C 119 5.26 3.40 16.86
C THR C 119 5.29 3.00 18.32
N ILE C 120 6.43 3.20 18.98
CA ILE C 120 6.61 2.82 20.38
C ILE C 120 6.86 4.09 21.18
N GLU C 121 5.93 4.45 22.06
CA GLU C 121 6.04 5.64 22.89
C GLU C 121 6.60 5.25 24.25
N ALA C 122 7.68 5.91 24.67
CA ALA C 122 8.31 5.62 25.95
C ALA C 122 8.64 6.92 26.67
N SER C 123 8.78 6.83 27.98
CA SER C 123 9.30 7.92 28.78
C SER C 123 10.71 7.59 29.26
N TYR C 124 11.48 8.62 29.59
CA TYR C 124 12.80 8.39 30.14
C TYR C 124 13.01 9.25 31.38
N LYS C 125 13.95 8.81 32.20
CA LYS C 125 14.38 9.53 33.39
C LYS C 125 15.90 9.48 33.44
N ILE C 126 16.52 10.62 33.69
CA ILE C 126 17.99 10.66 33.78
C ILE C 126 18.42 9.97 35.08
N THR C 127 19.37 9.04 34.98
CA THR C 127 19.87 8.40 36.19
C THR C 127 21.34 8.67 36.50
N THR C 128 22.18 8.91 35.49
CA THR C 128 23.58 9.25 35.72
C THR C 128 23.97 10.30 34.69
N LYS C 129 25.25 10.70 34.71
CA LYS C 129 25.71 11.67 33.72
C LYS C 129 25.71 11.10 32.30
N THR C 130 25.57 9.79 32.15
CA THR C 130 25.56 9.17 30.84
C THR C 130 24.33 8.32 30.53
N LYS C 131 23.56 7.91 31.55
CA LYS C 131 22.49 6.94 31.39
C LYS C 131 21.12 7.58 31.58
N VAL C 132 20.15 7.13 30.78
CA VAL C 132 18.74 7.38 31.07
C VAL C 132 18.05 6.03 31.22
N ASP C 133 17.01 6.03 32.04
CA ASP C 133 16.18 4.84 32.21
C ASP C 133 14.94 5.03 31.37
N ILE C 134 14.56 4.01 30.61
CA ILE C 134 13.48 4.11 29.63
C ILE C 134 12.35 3.15 30.00
N THR C 135 11.11 3.66 30.00
CA THR C 135 9.93 2.84 30.31
C THR C 135 8.93 2.90 29.18
N LEU C 136 8.42 1.73 28.78
CA LEU C 136 7.41 1.66 27.73
C LEU C 136 6.09 2.27 28.21
N ASP C 137 5.53 3.15 27.38
CA ASP C 137 4.25 3.76 27.69
C ASP C 137 3.14 3.10 26.87
N SER C 138 3.34 2.96 25.56
CA SER C 138 2.33 2.43 24.67
C SER C 138 2.95 2.14 23.31
N SER C 139 2.20 1.44 22.47
CA SER C 139 2.66 1.16 21.11
C SER C 139 1.46 0.97 20.21
N THR C 140 1.63 1.34 18.94
CA THR C 140 0.60 1.13 17.93
C THR C 140 1.26 0.69 16.62
N ILE C 141 0.48 0.03 15.78
CA ILE C 141 0.83 -0.21 14.39
C ILE C 141 -0.24 0.44 13.53
N THR C 142 0.19 1.29 12.62
CA THR C 142 -0.69 1.98 11.70
C THR C 142 -0.15 1.82 10.28
N PRO C 143 -1.03 1.90 9.26
CA PRO C 143 -2.50 2.01 9.32
C PRO C 143 -3.15 0.70 9.74
N ASP C 144 -4.48 0.60 9.81
CA ASP C 144 -5.05 -0.65 10.29
C ASP C 144 -4.80 -1.83 9.36
N GLN C 145 -4.49 -1.61 8.07
CA GLN C 145 -4.10 -2.74 7.25
C GLN C 145 -2.86 -3.42 7.81
N LEU C 146 -1.87 -2.63 8.22
CA LEU C 146 -0.63 -3.20 8.75
C LEU C 146 -0.85 -3.78 10.15
N MET C 147 -1.68 -3.15 10.96
CA MET C 147 -2.05 -3.76 12.23
C MET C 147 -2.66 -5.14 12.02
N ASN C 148 -3.60 -5.27 11.09
CA ASN C 148 -4.19 -6.57 10.83
C ASN C 148 -3.12 -7.58 10.44
N ILE C 149 -2.19 -7.18 9.58
CA ILE C 149 -1.19 -8.11 9.09
C ILE C 149 -0.27 -8.57 10.22
N PHE C 150 0.14 -7.66 11.10
CA PHE C 150 1.07 -8.00 12.17
C PHE C 150 0.40 -8.48 13.45
N GLN C 151 -0.93 -8.39 13.56
CA GLN C 151 -1.59 -8.63 14.84
C GLN C 151 -1.17 -9.96 15.47
N LYS C 152 -1.06 -11.03 14.66
CA LYS C 152 -0.75 -12.35 15.20
C LYS C 152 0.66 -12.40 15.79
N ASN C 153 1.55 -11.51 15.35
CA ASN C 153 2.92 -11.50 15.83
C ASN C 153 3.25 -10.23 16.61
N TYR C 154 2.23 -9.55 17.15
CA TYR C 154 2.43 -8.22 17.73
C TYR C 154 3.49 -8.23 18.82
N ASP C 155 3.34 -9.13 19.81
CA ASP C 155 4.24 -9.08 20.96
C ASP C 155 5.67 -9.39 20.55
N MET C 156 5.85 -10.34 19.64
CA MET C 156 7.18 -10.69 19.18
C MET C 156 7.81 -9.55 18.39
N LEU C 157 7.02 -8.86 17.56
CA LEU C 157 7.52 -7.66 16.87
C LEU C 157 7.89 -6.57 17.86
N LEU C 158 7.01 -6.29 18.82
CA LEU C 158 7.29 -5.27 19.82
C LEU C 158 8.59 -5.56 20.55
N ALA C 159 8.83 -6.83 20.89
CA ALA C 159 9.98 -7.19 21.70
C ALA C 159 11.29 -6.91 20.97
N ILE C 160 11.27 -6.95 19.63
CA ILE C 160 12.49 -6.63 18.89
C ILE C 160 12.91 -5.19 19.13
N PHE C 161 11.94 -4.27 19.14
CA PHE C 161 12.26 -2.85 19.07
C PHE C 161 11.94 -2.07 20.32
N ASN C 162 11.49 -2.72 21.37
CA ASN C 162 11.08 -2.02 22.56
C ASN C 162 12.31 -1.50 23.28
N PRO C 163 12.39 -0.18 23.56
CA PRO C 163 13.62 0.40 24.16
C PRO C 163 13.66 0.36 25.68
N GLU C 164 12.67 -0.29 26.28
CA GLU C 164 12.61 -0.38 27.76
C GLU C 164 13.91 -0.92 28.35
N GLY C 165 14.38 -0.30 29.42
CA GLY C 165 15.60 -0.69 30.09
C GLY C 165 16.37 0.56 30.39
N TRP C 166 17.68 0.54 30.25
CA TRP C 166 18.45 1.76 30.35
C TRP C 166 19.33 1.90 29.12
N LEU C 167 19.75 3.13 28.85
CA LEU C 167 20.53 3.45 27.67
C LEU C 167 21.65 4.36 28.12
N GLU C 168 22.90 3.98 27.86
CA GLU C 168 24.04 4.82 28.19
C GLU C 168 24.48 5.51 26.90
N ILE C 169 24.51 6.84 26.92
CA ILE C 169 24.94 7.62 25.77
C ILE C 169 26.46 7.65 25.80
N THR C 170 27.09 7.01 24.81
CA THR C 170 28.54 6.86 24.77
C THR C 170 29.21 7.80 23.77
N TYR C 171 28.42 8.47 22.92
CA TYR C 171 28.97 9.37 21.93
C TYR C 171 27.85 10.28 21.44
N VAL C 172 28.10 11.58 21.39
CA VAL C 172 27.22 12.47 20.65
C VAL C 172 28.02 13.65 20.12
N ASP C 173 27.86 13.93 18.84
CA ASP C 173 28.38 15.17 18.27
C ASP C 173 27.21 15.80 17.51
N GLU C 174 27.51 16.75 16.62
CA GLU C 174 26.45 17.51 15.99
C GLU C 174 25.58 16.66 15.06
N SER C 175 26.07 15.50 14.62
CA SER C 175 25.35 14.69 13.65
C SER C 175 25.17 13.23 14.03
N LEU C 176 25.92 12.72 15.00
CA LEU C 176 25.96 11.28 15.26
C LEU C 176 25.84 11.01 16.76
N ARG C 177 25.18 9.90 17.07
CA ARG C 177 24.93 9.51 18.45
C ARG C 177 25.17 8.00 18.56
N ILE C 178 25.78 7.57 19.66
CA ILE C 178 26.00 6.15 19.96
C ILE C 178 25.51 5.86 21.37
N GLY C 179 24.85 4.71 21.54
CA GLY C 179 24.43 4.31 22.87
C GLY C 179 24.54 2.80 23.04
N ARG C 180 24.58 2.38 24.30
CA ARG C 180 24.61 0.96 24.65
C ARG C 180 23.55 0.71 25.70
N ASP C 181 22.89 -0.44 25.64
CA ASP C 181 21.79 -0.68 26.55
C ASP C 181 22.17 -1.72 27.59
N ASP C 182 21.18 -2.10 28.41
CA ASP C 182 21.44 -3.01 29.51
C ASP C 182 21.77 -4.42 29.02
N LYS C 183 21.42 -4.75 27.77
CA LYS C 183 21.69 -6.06 27.20
C LYS C 183 22.94 -6.08 26.33
N ALA C 184 23.76 -5.03 26.40
CA ALA C 184 25.01 -4.89 25.67
C ALA C 184 24.79 -4.67 24.17
N ASN C 185 23.61 -4.22 23.76
CA ASN C 185 23.44 -3.78 22.40
C ASN C 185 24.16 -2.46 22.16
N ILE C 186 24.41 -2.20 20.87
CA ILE C 186 24.97 -0.95 20.39
C ILE C 186 23.98 -0.35 19.39
N PHE C 187 23.72 0.95 19.51
CA PHE C 187 22.83 1.68 18.60
C PHE C 187 23.55 2.93 18.14
N VAL C 188 23.71 3.06 16.82
CA VAL C 188 24.34 4.22 16.19
C VAL C 188 23.28 4.92 15.36
N LEU C 189 23.07 6.22 15.62
CA LEU C 189 22.04 6.98 14.92
C LEU C 189 22.62 8.30 14.41
N GLU C 190 22.06 8.79 13.31
CA GLU C 190 22.41 10.11 12.78
C GLU C 190 21.21 11.02 12.83
N ARG C 191 21.48 12.32 12.93
CA ARG C 191 20.41 13.32 12.89
C ARG C 191 19.63 13.23 11.58
N ALA C 192 18.30 13.34 11.68
CA ALA C 192 17.44 13.32 10.51
C ALA C 192 16.33 14.36 10.72
N ASP C 193 15.72 14.77 9.61
CA ASP C 193 14.74 15.82 9.84
C ASP C 193 13.38 15.20 10.16
N PRO C 194 12.62 15.78 11.09
CA PRO C 194 11.35 15.15 11.50
C PRO C 194 10.35 14.94 10.37
N SER C 195 10.52 15.64 9.23
CA SER C 195 9.65 15.37 8.09
C SER C 195 9.97 14.03 7.44
N GLU C 196 11.17 13.48 7.69
CA GLU C 196 11.54 12.18 7.16
C GLU C 196 10.74 11.04 7.79
N VAL C 197 10.12 11.27 8.94
CA VAL C 197 9.36 10.23 9.63
C VAL C 197 7.91 10.22 9.16
#